data_3S3P
#
_entry.id   3S3P
#
_cell.length_a   71.000
_cell.length_b   71.000
_cell.length_c   310.360
_cell.angle_alpha   90.00
_cell.angle_beta   90.00
_cell.angle_gamma   90.00
#
_symmetry.space_group_name_H-M   'P 41 21 2'
#
loop_
_entity.id
_entity.type
_entity.pdbx_description
1 polymer 'Protein-glutamine gamma-glutamyltransferase 2'
2 polymer 'Peptide inhibitor'
3 non-polymer 'SULFATE ION'
4 water water
#
loop_
_entity_poly.entity_id
_entity_poly.type
_entity_poly.pdbx_seq_one_letter_code
_entity_poly.pdbx_strand_id
1 'polypeptide(L)'
;MAHHHHHHAEELVLERCDLELETNGRDHHTADLCREKLVVRRGQPFWLTLHFEGRNYEASVDSLTFSVVTGPAPSQEAGT
KARFPLRDAVEEGDWTATVVDQQDCTLSLQLTTPANAPIGLYRLSLEASTGYQGSSFVLGHFILLFNAWCPADAVYLDSE
EERQEYVLTQQGFIYQGSAKFIKNIPWNFGQFEDGILDICLILLDVNPKFLKNAGRDCSRRSSPVYVGRVVSGMVNCNDD
QGVLLGRWDNNYGDGVSPMSWIGSVDILRRWKNHGCQRVKYGQCWVFAAVACTVLRCLGIPTRVVTNYNSAHDQNSNLLI
EYFRNEFGEIQGDKSEMIWNFHCWVESWMTRPDLQPGYEGWQALDPTPQEKSEGTYCCGPVPVRAIKEGDLSTKYDAPFV
FAEVNADVVDWIQQDDGSVHKSINRSLIVGLKISTKSVGRDEREDITHTYKYPEGSSEEREAFTRANHLNKLAEKEETGM
AMRIRVGQSMNMGSDFDVFAHITNNTAEEYVCRLLLCARTVSYNGILGPECGTKYLLNLNLEPFSEKSVPLCILYEKYRD
CLTESNLIKVRALLVEPVINSYLLAERDLYLENPEIKIRILGEPKQKRKLVAEVSLQNPLPVALEGCTFTVEGAGLTEEQ
KTVEIPDPVEAGEEVKVRMDLLPLHMGLHKLVVNFESDKLKAVKGFRNVIIGPA
;
A
2 'polypeptide(L)' (PHQ)(XW1)QPL B
#
# COMPACT_ATOMS: atom_id res chain seq x y z
N ALA A 9 -48.95 48.50 13.69
CA ALA A 9 -48.14 47.53 14.42
C ALA A 9 -46.64 47.70 14.12
N GLU A 10 -45.85 47.98 15.15
CA GLU A 10 -44.43 48.28 14.96
C GLU A 10 -43.58 47.01 14.68
N GLU A 11 -42.55 47.18 13.86
CA GLU A 11 -41.67 46.07 13.52
C GLU A 11 -40.90 45.54 14.72
N LEU A 12 -40.55 44.26 14.66
CA LEU A 12 -39.88 43.58 15.76
C LEU A 12 -38.43 44.02 15.91
N VAL A 13 -37.92 44.00 17.13
CA VAL A 13 -36.52 44.31 17.37
C VAL A 13 -35.93 43.20 18.22
N LEU A 14 -35.02 42.43 17.63
CA LEU A 14 -34.38 41.39 18.39
C LEU A 14 -33.38 42.05 19.34
N GLU A 15 -33.51 41.74 20.63
CA GLU A 15 -32.51 42.13 21.60
C GLU A 15 -31.32 41.19 21.52
N ARG A 16 -31.61 39.88 21.51
CA ARG A 16 -30.55 38.89 21.36
C ARG A 16 -31.08 37.50 21.00
N CYS A 17 -30.17 36.66 20.53
CA CYS A 17 -30.47 35.27 20.21
C CYS A 17 -29.64 34.37 21.12
N ASP A 18 -30.31 33.43 21.79
CA ASP A 18 -29.61 32.50 22.66
C ASP A 18 -29.37 31.19 21.92
N LEU A 19 -28.11 30.83 21.74
CA LEU A 19 -27.73 29.67 20.93
C LEU A 19 -27.87 28.34 21.68
N GLU A 20 -28.35 28.38 22.93
CA GLU A 20 -28.52 27.18 23.76
C GLU A 20 -27.37 26.17 23.61
N LEU A 21 -26.15 26.64 23.83
CA LEU A 21 -24.98 25.79 23.74
C LEU A 21 -25.14 24.49 24.54
N GLU A 22 -25.62 24.61 25.78
CA GLU A 22 -25.66 23.46 26.68
C GLU A 22 -26.60 22.35 26.22
N THR A 23 -27.88 22.67 26.07
CA THR A 23 -28.84 21.64 25.69
C THR A 23 -28.57 21.14 24.28
N ASN A 24 -28.10 22.02 23.40
CA ASN A 24 -27.69 21.61 22.05
C ASN A 24 -26.44 20.71 22.02
N GLY A 25 -25.41 21.07 22.78
CA GLY A 25 -24.17 20.33 22.79
C GLY A 25 -24.36 18.92 23.30
N ARG A 26 -25.16 18.79 24.35
CA ARG A 26 -25.44 17.50 24.94
C ARG A 26 -26.27 16.63 24.01
N ASP A 27 -27.29 17.21 23.37
CA ASP A 27 -28.15 16.44 22.48
C ASP A 27 -27.49 16.09 21.15
N HIS A 28 -26.55 16.92 20.72
CA HIS A 28 -25.85 16.73 19.47
C HIS A 28 -24.48 16.05 19.62
N HIS A 29 -24.13 15.73 20.87
CA HIS A 29 -22.86 15.05 21.18
C HIS A 29 -21.65 15.90 20.80
N THR A 30 -21.82 17.22 20.94
CA THR A 30 -20.81 18.19 20.57
C THR A 30 -20.50 19.09 21.78
N ALA A 31 -20.91 18.66 22.97
CA ALA A 31 -20.67 19.42 24.19
C ALA A 31 -19.30 20.07 24.23
N ASP A 32 -18.25 19.30 24.04
CA ASP A 32 -16.87 19.81 24.09
C ASP A 32 -16.58 20.88 23.05
N LEU A 33 -17.25 20.81 21.90
CA LEU A 33 -17.07 21.84 20.87
C LEU A 33 -18.00 23.05 21.09
N CYS A 34 -18.98 22.92 21.97
CA CYS A 34 -19.89 24.01 22.24
C CYS A 34 -19.47 24.82 23.44
N ARG A 35 -18.19 25.12 23.55
CA ARG A 35 -17.72 25.97 24.64
C ARG A 35 -17.95 27.46 24.31
N GLU A 36 -17.60 27.84 23.08
CA GLU A 36 -17.77 29.22 22.62
C GLU A 36 -18.90 29.33 21.61
N LYS A 37 -18.68 28.76 20.43
CA LYS A 37 -19.64 28.82 19.32
C LYS A 37 -20.56 27.59 19.26
N LEU A 38 -21.63 27.66 18.46
CA LEU A 38 -22.55 26.53 18.32
C LEU A 38 -22.08 25.49 17.29
N VAL A 39 -21.96 24.25 17.72
CA VAL A 39 -21.66 23.16 16.79
C VAL A 39 -22.75 22.10 16.85
N VAL A 40 -23.31 21.77 15.69
CA VAL A 40 -24.37 20.76 15.62
C VAL A 40 -24.13 19.72 14.52
N ARG A 41 -24.96 18.68 14.53
CA ARG A 41 -24.86 17.61 13.56
C ARG A 41 -26.10 17.59 12.68
N ARG A 42 -25.94 17.21 11.42
CA ARG A 42 -27.04 17.27 10.44
C ARG A 42 -28.17 16.27 10.70
N GLY A 43 -29.35 16.58 10.16
CA GLY A 43 -30.51 15.70 10.20
C GLY A 43 -31.15 15.59 11.57
N GLN A 44 -30.86 16.56 12.44
CA GLN A 44 -31.30 16.51 13.82
C GLN A 44 -31.69 17.92 14.29
N PRO A 45 -32.84 18.05 14.95
CA PRO A 45 -33.36 19.39 15.33
C PRO A 45 -32.49 20.05 16.40
N PHE A 46 -32.23 21.34 16.26
CA PHE A 46 -31.53 22.12 17.29
C PHE A 46 -32.30 23.37 17.69
N TRP A 47 -31.83 24.06 18.73
CA TRP A 47 -32.63 25.14 19.33
C TRP A 47 -31.98 26.52 19.41
N LEU A 48 -32.80 27.54 19.17
CA LEU A 48 -32.41 28.94 19.32
C LEU A 48 -33.55 29.63 20.04
N THR A 49 -33.22 30.55 20.92
CA THR A 49 -34.25 31.35 21.59
C THR A 49 -34.09 32.82 21.23
N LEU A 50 -35.10 33.39 20.60
CA LEU A 50 -35.14 34.82 20.35
C LEU A 50 -35.70 35.61 21.53
N HIS A 51 -35.00 36.66 21.92
CA HIS A 51 -35.46 37.61 22.92
C HIS A 51 -35.71 38.94 22.22
N PHE A 52 -36.96 39.36 22.15
CA PHE A 52 -37.23 40.63 21.50
C PHE A 52 -37.22 41.78 22.50
N GLU A 53 -36.93 42.96 21.99
CA GLU A 53 -37.04 44.19 22.77
C GLU A 53 -38.42 44.82 22.46
N GLY A 54 -39.31 44.80 23.44
CA GLY A 54 -40.67 45.21 23.20
C GLY A 54 -41.60 44.02 22.99
N ARG A 55 -42.57 44.17 22.10
CA ARG A 55 -43.56 43.12 21.86
C ARG A 55 -42.93 41.84 21.28
N ASN A 56 -43.54 40.70 21.60
CA ASN A 56 -43.07 39.42 21.11
C ASN A 56 -43.61 39.14 19.73
N TYR A 57 -43.24 37.99 19.18
CA TYR A 57 -43.69 37.55 17.88
C TYR A 57 -45.19 37.24 17.91
N GLU A 58 -45.88 37.63 16.85
CA GLU A 58 -47.29 37.31 16.72
C GLU A 58 -47.47 36.65 15.38
N ALA A 59 -47.55 35.33 15.37
CA ALA A 59 -47.72 34.58 14.13
C ALA A 59 -48.66 35.27 13.15
N SER A 60 -49.67 35.97 13.67
CA SER A 60 -50.70 36.60 12.84
C SER A 60 -50.20 37.83 12.11
N VAL A 61 -49.23 38.51 12.71
CA VAL A 61 -48.74 39.78 12.19
C VAL A 61 -47.37 39.65 11.53
N ASP A 62 -46.50 38.86 12.15
CA ASP A 62 -45.11 38.73 11.70
C ASP A 62 -44.88 37.50 10.87
N SER A 63 -44.25 37.69 9.72
CA SER A 63 -43.63 36.57 9.00
C SER A 63 -42.10 36.63 9.15
N LEU A 64 -41.52 35.58 9.69
CA LEU A 64 -40.07 35.47 9.84
C LEU A 64 -39.51 34.47 8.86
N THR A 65 -38.40 34.83 8.20
CA THR A 65 -37.74 33.95 7.24
C THR A 65 -36.26 33.81 7.58
N PHE A 66 -35.71 32.61 7.44
CA PHE A 66 -34.28 32.37 7.67
C PHE A 66 -33.47 32.10 6.41
N SER A 67 -32.20 32.47 6.48
CA SER A 67 -31.27 32.27 5.39
C SER A 67 -29.96 31.74 5.95
N VAL A 68 -29.50 30.62 5.41
CA VAL A 68 -28.19 30.11 5.78
C VAL A 68 -27.31 29.96 4.56
N VAL A 69 -26.08 30.44 4.66
CA VAL A 69 -25.10 30.24 3.62
C VAL A 69 -23.86 29.61 4.20
N THR A 70 -23.21 28.76 3.41
CA THR A 70 -21.92 28.18 3.80
C THR A 70 -20.92 28.30 2.65
N GLY A 71 -19.69 28.72 2.96
CA GLY A 71 -18.66 28.75 1.94
C GLY A 71 -18.60 30.07 1.20
N PRO A 72 -17.64 30.19 0.28
CA PRO A 72 -17.28 31.42 -0.47
C PRO A 72 -18.10 31.67 -1.74
N ALA A 73 -18.85 30.66 -2.19
CA ALA A 73 -19.69 30.81 -3.36
C ALA A 73 -20.99 30.01 -3.23
N PRO A 74 -21.79 30.33 -2.20
CA PRO A 74 -23.05 29.63 -1.91
C PRO A 74 -24.03 29.62 -3.09
N SER A 75 -24.85 28.59 -3.20
CA SER A 75 -26.02 28.61 -4.10
C SER A 75 -27.04 27.63 -3.55
N GLN A 76 -28.28 27.73 -4.02
CA GLN A 76 -29.31 26.81 -3.54
C GLN A 76 -29.22 25.49 -4.28
N GLU A 77 -28.89 25.58 -5.56
CA GLU A 77 -28.83 24.42 -6.42
C GLU A 77 -27.76 23.48 -5.87
N ALA A 78 -26.71 24.07 -5.32
CA ALA A 78 -25.59 23.30 -4.77
C ALA A 78 -25.85 22.85 -3.34
N GLY A 79 -26.92 23.34 -2.75
CA GLY A 79 -27.27 22.96 -1.39
C GLY A 79 -26.52 23.73 -0.33
N THR A 80 -25.71 24.71 -0.75
CA THR A 80 -24.92 25.53 0.18
C THR A 80 -25.59 26.85 0.54
N LYS A 81 -26.88 26.97 0.19
CA LYS A 81 -27.68 28.11 0.65
C LYS A 81 -29.14 27.71 0.76
N ALA A 82 -29.76 28.09 1.87
CA ALA A 82 -31.18 27.83 2.04
C ALA A 82 -31.94 29.01 2.66
N ARG A 83 -33.16 29.19 2.18
CA ARG A 83 -34.11 30.13 2.75
C ARG A 83 -35.31 29.32 3.19
N PHE A 84 -35.81 29.59 4.38
CA PHE A 84 -36.93 28.83 4.90
C PHE A 84 -37.73 29.65 5.92
N PRO A 85 -39.06 29.59 5.83
CA PRO A 85 -39.89 30.40 6.74
C PRO A 85 -40.03 29.74 8.10
N LEU A 86 -40.41 30.54 9.09
CA LEU A 86 -40.85 30.05 10.39
C LEU A 86 -42.33 29.72 10.31
N ARG A 87 -42.66 28.43 10.38
CA ARG A 87 -44.04 27.98 10.26
C ARG A 87 -44.26 26.70 11.06
N ASP A 88 -45.50 26.30 11.24
CA ASP A 88 -45.80 25.09 11.99
C ASP A 88 -45.61 23.85 11.15
N ALA A 89 -45.90 23.94 9.85
CA ALA A 89 -45.73 22.81 8.95
C ALA A 89 -44.26 22.49 8.76
N VAL A 90 -43.83 21.33 9.24
CA VAL A 90 -42.43 20.93 9.10
C VAL A 90 -42.24 19.80 8.07
N GLU A 91 -41.56 20.12 6.97
CA GLU A 91 -41.29 19.13 5.94
C GLU A 91 -40.05 18.29 6.28
N GLU A 92 -40.22 16.98 6.43
CA GLU A 92 -39.12 16.07 6.75
C GLU A 92 -38.01 16.15 5.69
N GLY A 93 -36.77 16.24 6.16
CA GLY A 93 -35.60 16.27 5.29
C GLY A 93 -35.23 17.61 4.67
N ASP A 94 -35.86 18.68 5.14
CA ASP A 94 -35.53 19.99 4.59
C ASP A 94 -35.07 20.90 5.68
N TRP A 95 -34.56 22.05 5.28
CA TRP A 95 -34.35 23.14 6.21
C TRP A 95 -35.71 23.67 6.67
N THR A 96 -35.92 23.64 7.98
CA THR A 96 -37.13 24.19 8.58
C THR A 96 -36.87 24.91 9.89
N ALA A 97 -37.76 25.84 10.22
CA ALA A 97 -37.79 26.45 11.54
C ALA A 97 -39.24 26.41 12.06
N THR A 98 -39.42 26.19 13.35
CA THR A 98 -40.76 26.10 13.91
C THR A 98 -40.74 26.54 15.37
N VAL A 99 -41.78 27.26 15.80
CA VAL A 99 -41.89 27.67 17.19
C VAL A 99 -42.27 26.48 18.05
N VAL A 100 -41.57 26.30 19.16
CA VAL A 100 -41.90 25.24 20.11
C VAL A 100 -42.17 25.76 21.52
N ASP A 101 -41.87 27.04 21.76
CA ASP A 101 -42.21 27.63 23.06
C ASP A 101 -42.38 29.14 22.90
N GLN A 102 -43.35 29.72 23.60
CA GLN A 102 -43.52 31.18 23.57
C GLN A 102 -43.88 31.74 24.94
N GLN A 103 -42.99 32.56 25.48
CA GLN A 103 -43.18 33.12 26.80
C GLN A 103 -43.29 34.64 26.72
N ASP A 104 -43.05 35.31 27.84
CA ASP A 104 -43.18 36.76 27.93
C ASP A 104 -42.62 37.45 26.68
N CYS A 105 -41.30 37.59 26.63
CA CYS A 105 -40.63 38.27 25.51
C CYS A 105 -39.78 37.34 24.64
N THR A 106 -39.76 36.04 24.98
CA THR A 106 -38.93 35.06 24.27
C THR A 106 -39.71 34.13 23.33
N LEU A 107 -38.99 33.62 22.34
CA LEU A 107 -39.58 32.77 21.33
C LEU A 107 -38.62 31.62 21.09
N SER A 108 -39.01 30.43 21.50
CA SER A 108 -38.15 29.26 21.31
C SER A 108 -38.36 28.64 19.94
N LEU A 109 -37.27 28.48 19.22
CA LEU A 109 -37.29 27.94 17.87
C LEU A 109 -36.55 26.58 17.76
N GLN A 110 -37.04 25.74 16.86
CA GLN A 110 -36.41 24.46 16.63
C GLN A 110 -36.07 24.39 15.14
N LEU A 111 -34.78 24.30 14.84
CA LEU A 111 -34.32 24.27 13.46
C LEU A 111 -33.86 22.86 13.07
N THR A 112 -34.07 22.50 11.81
CA THR A 112 -33.62 21.21 11.32
C THR A 112 -32.86 21.35 10.01
N THR A 113 -31.80 20.57 9.87
CA THR A 113 -31.05 20.54 8.64
C THR A 113 -31.33 19.21 7.95
N PRO A 114 -31.20 19.16 6.62
CA PRO A 114 -31.29 17.85 5.99
C PRO A 114 -30.10 16.97 6.41
N ALA A 115 -30.33 15.65 6.43
CA ALA A 115 -29.35 14.67 6.82
C ALA A 115 -28.23 14.56 5.81
N ASN A 116 -28.39 15.20 4.66
CA ASN A 116 -27.36 15.21 3.63
C ASN A 116 -26.89 16.62 3.33
N ALA A 117 -26.95 17.49 4.33
CA ALA A 117 -26.51 18.86 4.18
C ALA A 117 -24.98 18.90 4.13
N PRO A 118 -24.42 19.80 3.32
CA PRO A 118 -22.97 19.96 3.35
C PRO A 118 -22.56 20.37 4.77
N ILE A 119 -21.49 19.78 5.28
CA ILE A 119 -20.97 20.15 6.59
C ILE A 119 -20.14 21.42 6.43
N GLY A 120 -19.89 22.11 7.56
CA GLY A 120 -19.11 23.33 7.55
C GLY A 120 -19.67 24.50 8.35
N LEU A 121 -19.00 25.65 8.20
CA LEU A 121 -19.36 26.83 8.93
C LEU A 121 -20.52 27.52 8.23
N TYR A 122 -21.56 27.85 9.00
CA TYR A 122 -22.78 28.47 8.47
C TYR A 122 -23.06 29.84 9.08
N ARG A 123 -23.40 30.79 8.22
CA ARG A 123 -23.93 32.07 8.68
C ARG A 123 -25.46 32.00 8.68
N LEU A 124 -26.05 32.30 9.82
CA LEU A 124 -27.50 32.23 9.98
C LEU A 124 -28.09 33.64 10.01
N SER A 125 -29.02 33.90 9.09
CA SER A 125 -29.61 35.22 8.99
C SER A 125 -31.12 35.17 9.18
N LEU A 126 -31.68 36.28 9.68
CA LEU A 126 -33.10 36.38 9.95
C LEU A 126 -33.69 37.62 9.32
N GLU A 127 -34.78 37.45 8.58
CA GLU A 127 -35.54 38.58 8.06
C GLU A 127 -36.91 38.63 8.73
N ALA A 128 -37.12 39.69 9.50
CA ALA A 128 -38.39 39.97 10.18
C ALA A 128 -39.29 40.85 9.31
N SER A 129 -40.50 40.39 9.05
CA SER A 129 -41.40 41.11 8.16
C SER A 129 -42.79 41.27 8.75
N THR A 130 -43.31 42.50 8.70
CA THR A 130 -44.68 42.81 9.11
C THR A 130 -45.45 43.23 7.87
N GLY A 131 -45.48 42.35 6.87
CA GLY A 131 -46.13 42.66 5.61
C GLY A 131 -45.67 43.96 4.96
N TYR A 132 -46.18 45.09 5.46
CA TYR A 132 -45.92 46.40 4.87
C TYR A 132 -44.49 46.91 5.05
N GLN A 133 -43.69 46.22 5.87
CA GLN A 133 -42.30 46.63 6.15
C GLN A 133 -41.43 45.42 6.51
N GLY A 134 -40.12 45.55 6.36
CA GLY A 134 -39.20 44.45 6.64
C GLY A 134 -37.76 44.84 6.98
N SER A 135 -36.97 43.87 7.44
CA SER A 135 -35.57 44.07 7.79
C SER A 135 -34.83 42.73 7.95
N SER A 136 -33.75 42.53 7.18
CA SER A 136 -32.90 41.34 7.35
C SER A 136 -31.66 41.65 8.19
N PHE A 137 -31.03 40.61 8.72
CA PHE A 137 -29.83 40.77 9.57
C PHE A 137 -29.31 39.44 10.13
N VAL A 138 -28.03 39.39 10.44
CA VAL A 138 -27.37 38.15 10.85
C VAL A 138 -27.61 37.81 12.31
N LEU A 139 -27.97 36.55 12.58
CA LEU A 139 -28.13 36.08 13.95
C LEU A 139 -26.82 35.56 14.50
N GLY A 140 -26.11 34.79 13.68
CA GLY A 140 -24.84 34.24 14.09
C GLY A 140 -24.41 33.06 13.27
N HIS A 141 -23.59 32.20 13.88
CA HIS A 141 -22.98 31.08 13.17
C HIS A 141 -23.09 29.77 13.92
N PHE A 142 -23.30 28.70 13.17
CA PHE A 142 -23.17 27.36 13.72
C PHE A 142 -22.37 26.51 12.75
N ILE A 143 -21.72 25.48 13.27
CA ILE A 143 -21.02 24.53 12.42
C ILE A 143 -21.85 23.24 12.37
N LEU A 144 -21.99 22.68 11.16
CA LEU A 144 -22.77 21.46 10.96
C LEU A 144 -21.85 20.26 10.66
N LEU A 145 -21.98 19.19 11.43
CA LEU A 145 -21.09 18.06 11.30
C LEU A 145 -21.85 16.80 10.87
N PHE A 146 -21.11 15.75 10.56
CA PHE A 146 -21.71 14.47 10.22
C PHE A 146 -22.38 13.89 11.46
N ASN A 147 -23.45 13.11 11.25
CA ASN A 147 -24.26 12.60 12.34
C ASN A 147 -24.44 11.08 12.35
N ALA A 148 -23.57 10.38 13.07
CA ALA A 148 -23.64 8.92 13.16
C ALA A 148 -24.84 8.46 13.99
N TRP A 149 -25.62 9.44 14.46
CA TRP A 149 -26.80 9.17 15.30
C TRP A 149 -28.07 9.25 14.47
N CYS A 150 -27.97 9.88 13.31
CA CYS A 150 -29.13 10.14 12.48
C CYS A 150 -29.34 9.01 11.49
N PRO A 151 -30.46 8.27 11.64
CA PRO A 151 -30.73 7.11 10.78
C PRO A 151 -30.59 7.45 9.30
N ALA A 152 -30.93 8.67 8.92
CA ALA A 152 -30.91 9.08 7.50
C ALA A 152 -29.54 9.58 6.99
N ASP A 153 -28.59 9.78 7.91
CA ASP A 153 -27.23 10.21 7.55
C ASP A 153 -26.44 9.05 6.95
N ALA A 154 -25.67 9.33 5.90
CA ALA A 154 -24.77 8.34 5.30
C ALA A 154 -23.88 7.64 6.32
N VAL A 155 -23.38 8.40 7.30
CA VAL A 155 -22.46 7.86 8.30
C VAL A 155 -23.16 7.18 9.49
N TYR A 156 -24.45 6.90 9.35
CA TYR A 156 -25.20 6.31 10.45
C TYR A 156 -24.58 5.01 10.93
N LEU A 157 -24.59 4.82 12.25
CA LEU A 157 -24.00 3.65 12.89
C LEU A 157 -24.99 3.18 13.95
N ASP A 158 -25.63 2.04 13.71
CA ASP A 158 -26.81 1.64 14.49
C ASP A 158 -26.54 1.34 15.97
N SER A 159 -25.29 1.44 16.38
CA SER A 159 -24.87 1.02 17.72
C SER A 159 -24.27 2.13 18.56
N GLU A 160 -24.90 2.41 19.71
CA GLU A 160 -24.42 3.45 20.61
C GLU A 160 -22.94 3.31 21.06
N GLU A 161 -22.53 2.11 21.46
CA GLU A 161 -21.16 1.95 21.97
C GLU A 161 -20.12 2.08 20.87
N GLU A 162 -20.52 1.76 19.65
CA GLU A 162 -19.66 1.98 18.50
C GLU A 162 -19.57 3.48 18.17
N ARG A 163 -20.69 4.19 18.32
CA ARG A 163 -20.69 5.63 18.10
C ARG A 163 -19.72 6.31 19.08
N GLN A 164 -19.72 5.88 20.34
CA GLN A 164 -18.80 6.39 21.37
C GLN A 164 -17.35 6.19 20.99
N GLU A 165 -17.05 5.02 20.43
CA GLU A 165 -15.70 4.61 20.18
C GLU A 165 -15.15 5.29 18.93
N TYR A 166 -15.96 5.31 17.88
CA TYR A 166 -15.47 5.65 16.56
C TYR A 166 -15.63 7.13 16.21
N VAL A 167 -16.31 7.86 17.09
CA VAL A 167 -16.47 9.30 16.94
C VAL A 167 -16.10 10.06 18.22
N LEU A 168 -16.59 9.58 19.36
CA LEU A 168 -16.53 10.39 20.56
C LEU A 168 -15.26 10.24 21.38
N THR A 169 -14.64 9.06 21.35
CA THR A 169 -13.49 8.81 22.19
C THR A 169 -12.22 9.49 21.65
N GLN A 170 -11.47 10.18 22.52
CA GLN A 170 -10.33 10.99 22.08
C GLN A 170 -8.95 10.35 22.31
N GLN A 171 -8.94 9.17 22.93
CA GLN A 171 -7.70 8.39 23.07
C GLN A 171 -7.88 6.94 22.58
N GLY A 172 -6.88 6.45 21.87
CA GLY A 172 -6.91 5.07 21.44
C GLY A 172 -5.53 4.42 21.46
N PHE A 173 -5.43 3.27 20.79
CA PHE A 173 -4.17 2.57 20.63
C PHE A 173 -3.91 2.42 19.15
N ILE A 174 -2.65 2.60 18.78
CA ILE A 174 -2.19 2.28 17.45
C ILE A 174 -1.23 1.11 17.63
N TYR A 175 -1.42 0.08 16.81
CA TYR A 175 -0.63 -1.14 16.94
C TYR A 175 0.62 -1.08 16.07
N GLN A 176 1.75 -1.43 16.68
CA GLN A 176 3.06 -1.38 16.05
C GLN A 176 3.82 -2.66 16.41
N GLY A 177 5.16 -2.62 16.30
CA GLY A 177 5.98 -3.78 16.61
C GLY A 177 6.00 -4.77 15.46
N SER A 178 5.53 -5.98 15.70
CA SER A 178 5.61 -7.02 14.67
C SER A 178 4.53 -8.07 14.83
N ALA A 179 4.34 -8.88 13.79
CA ALA A 179 3.22 -9.82 13.79
C ALA A 179 3.23 -10.75 14.99
N LYS A 180 4.40 -10.89 15.62
CA LYS A 180 4.58 -11.85 16.71
C LYS A 180 4.83 -11.12 18.01
N PHE A 181 5.27 -9.87 17.91
CA PHE A 181 5.40 -8.98 19.05
C PHE A 181 4.63 -7.69 18.82
N ILE A 182 3.31 -7.81 18.89
CA ILE A 182 2.41 -6.68 18.69
C ILE A 182 2.51 -5.70 19.86
N LYS A 183 2.88 -4.46 19.55
CA LYS A 183 2.99 -3.40 20.54
C LYS A 183 1.89 -2.34 20.36
N ASN A 184 1.20 -1.98 21.44
CA ASN A 184 0.10 -1.02 21.36
C ASN A 184 0.46 0.37 21.86
N ILE A 185 0.76 1.28 20.93
CA ILE A 185 1.02 2.68 21.29
C ILE A 185 -0.27 3.42 21.61
N PRO A 186 -0.37 3.98 22.84
CA PRO A 186 -1.52 4.79 23.23
C PRO A 186 -1.45 6.15 22.56
N TRP A 187 -2.57 6.64 22.02
CA TRP A 187 -2.55 7.87 21.24
C TRP A 187 -3.64 8.84 21.66
N ASN A 188 -3.30 10.12 21.58
CA ASN A 188 -4.25 11.18 21.88
C ASN A 188 -4.74 11.85 20.59
N PHE A 189 -5.89 11.40 20.11
CA PHE A 189 -6.50 11.99 18.92
C PHE A 189 -6.97 13.40 19.23
N GLY A 190 -7.55 13.57 20.42
CA GLY A 190 -8.00 14.87 20.88
C GLY A 190 -8.72 15.64 19.80
N GLN A 191 -9.65 14.98 19.12
CA GLN A 191 -10.46 15.64 18.11
C GLN A 191 -11.34 16.81 18.67
N PHE A 192 -11.58 16.83 19.98
CA PHE A 192 -12.41 17.88 20.56
C PHE A 192 -11.62 18.89 21.38
N GLU A 193 -10.32 18.97 21.13
CA GLU A 193 -9.49 19.99 21.76
C GLU A 193 -9.72 21.35 21.11
N ASP A 194 -9.37 22.41 21.83
CA ASP A 194 -9.47 23.77 21.32
C ASP A 194 -8.75 23.97 20.00
N GLY A 195 -9.42 24.61 19.06
CA GLY A 195 -8.82 24.97 17.79
C GLY A 195 -8.82 23.84 16.78
N ILE A 196 -9.09 22.62 17.23
CA ILE A 196 -8.97 21.47 16.35
C ILE A 196 -10.03 21.47 15.25
N LEU A 197 -11.28 21.72 15.62
CA LEU A 197 -12.35 21.72 14.63
C LEU A 197 -12.15 22.81 13.58
N ASP A 198 -11.52 23.91 13.99
CA ASP A 198 -11.29 25.01 13.08
C ASP A 198 -10.20 24.68 12.08
N ILE A 199 -9.20 23.92 12.53
CA ILE A 199 -8.15 23.47 11.64
C ILE A 199 -8.65 22.46 10.61
N CYS A 200 -9.52 21.54 11.03
CA CYS A 200 -10.07 20.55 10.10
C CYS A 200 -10.82 21.26 8.98
N LEU A 201 -11.48 22.35 9.33
CA LEU A 201 -12.20 23.13 8.35
C LEU A 201 -11.23 23.84 7.42
N ILE A 202 -10.13 24.33 7.98
CA ILE A 202 -9.17 25.08 7.18
C ILE A 202 -8.54 24.12 6.20
N LEU A 203 -8.22 22.95 6.71
CA LEU A 203 -7.58 21.91 5.94
C LEU A 203 -8.47 21.65 4.74
N LEU A 204 -9.76 21.50 5.00
CA LEU A 204 -10.68 21.27 3.91
C LEU A 204 -10.59 22.43 2.91
N ASP A 205 -10.49 23.64 3.44
CA ASP A 205 -10.55 24.86 2.63
C ASP A 205 -9.31 25.13 1.80
N VAL A 206 -8.26 24.34 2.00
CA VAL A 206 -7.02 24.55 1.25
C VAL A 206 -6.66 23.32 0.41
N ASN A 207 -7.57 22.36 0.34
CA ASN A 207 -7.34 21.19 -0.50
C ASN A 207 -7.51 21.56 -1.96
N PRO A 208 -6.76 20.92 -2.86
CA PRO A 208 -6.72 21.27 -4.29
C PRO A 208 -8.09 21.39 -4.96
N LYS A 209 -9.04 20.55 -4.58
CA LYS A 209 -10.38 20.61 -5.17
C LYS A 209 -11.15 21.89 -4.79
N PHE A 210 -10.80 22.47 -3.65
CA PHE A 210 -11.35 23.77 -3.22
C PHE A 210 -10.74 24.89 -4.07
N LEU A 211 -9.42 24.89 -4.21
CA LEU A 211 -8.73 25.85 -5.07
C LEU A 211 -9.20 25.76 -6.52
N LYS A 212 -9.71 24.61 -6.90
CA LYS A 212 -10.10 24.37 -8.28
C LYS A 212 -11.52 24.83 -8.52
N ASN A 213 -12.39 24.57 -7.53
CA ASN A 213 -13.80 24.95 -7.62
C ASN A 213 -14.43 25.09 -6.23
N ALA A 214 -14.19 26.21 -5.57
CA ALA A 214 -14.64 26.40 -4.20
C ALA A 214 -16.10 25.98 -4.03
N GLY A 215 -16.99 26.61 -4.79
CA GLY A 215 -18.39 26.29 -4.73
C GLY A 215 -18.69 24.80 -4.80
N ARG A 216 -18.23 24.15 -5.85
CA ARG A 216 -18.52 22.73 -6.00
C ARG A 216 -17.98 21.95 -4.80
N ASP A 217 -16.78 22.31 -4.35
CA ASP A 217 -16.13 21.59 -3.25
C ASP A 217 -16.93 21.68 -1.97
N CYS A 218 -17.44 22.89 -1.67
CA CYS A 218 -18.25 23.10 -0.47
C CYS A 218 -19.56 22.34 -0.53
N SER A 219 -20.05 22.13 -1.74
CA SER A 219 -21.26 21.36 -1.96
C SER A 219 -20.98 19.89 -1.71
N ARG A 220 -19.87 19.42 -2.25
CA ARG A 220 -19.55 18.00 -2.19
C ARG A 220 -19.23 17.60 -0.77
N ARG A 221 -19.10 18.57 0.13
CA ARG A 221 -18.87 18.25 1.53
C ARG A 221 -20.12 17.66 2.19
N SER A 222 -21.18 17.48 1.41
CA SER A 222 -22.32 16.69 1.88
C SER A 222 -21.94 15.20 2.00
N SER A 223 -20.90 14.81 1.26
CA SER A 223 -20.51 13.41 1.14
C SER A 223 -19.36 13.02 2.06
N PRO A 224 -19.59 12.02 2.93
CA PRO A 224 -18.51 11.45 3.76
C PRO A 224 -17.46 10.74 2.89
N VAL A 225 -17.87 10.28 1.71
CA VAL A 225 -16.95 9.69 0.73
C VAL A 225 -16.01 10.76 0.17
N TYR A 226 -16.57 11.89 -0.23
CA TYR A 226 -15.78 13.00 -0.73
C TYR A 226 -14.84 13.51 0.36
N VAL A 227 -15.38 13.64 1.57
CA VAL A 227 -14.65 14.27 2.66
C VAL A 227 -13.49 13.38 3.13
N GLY A 228 -13.76 12.07 3.25
CA GLY A 228 -12.73 11.10 3.59
C GLY A 228 -11.64 11.02 2.53
N ARG A 229 -12.05 10.98 1.27
CA ARG A 229 -11.11 11.02 0.17
C ARG A 229 -10.20 12.24 0.27
N VAL A 230 -10.78 13.43 0.46
CA VAL A 230 -9.98 14.65 0.55
C VAL A 230 -8.96 14.60 1.70
N VAL A 231 -9.39 14.14 2.87
CA VAL A 231 -8.51 13.98 4.03
C VAL A 231 -7.31 13.03 3.81
N SER A 232 -7.53 11.93 3.09
CA SER A 232 -6.43 10.97 2.86
C SER A 232 -5.29 11.66 2.12
N GLY A 233 -5.63 12.63 1.29
CA GLY A 233 -4.67 13.28 0.42
C GLY A 233 -4.16 14.60 0.98
N MET A 234 -4.52 14.89 2.23
CA MET A 234 -4.13 16.18 2.79
C MET A 234 -3.25 16.01 4.01
N VAL A 235 -3.26 14.81 4.59
CA VAL A 235 -2.44 14.56 5.76
C VAL A 235 -0.99 14.66 5.34
N ASN A 236 -0.70 14.12 4.16
CA ASN A 236 0.64 14.13 3.59
CA ASN A 236 0.64 14.13 3.60
C ASN A 236 0.90 15.37 2.74
N CYS A 237 2.18 15.70 2.56
CA CYS A 237 2.61 16.93 1.89
C CYS A 237 3.30 16.66 0.55
N ASN A 238 2.56 16.80 -0.55
CA ASN A 238 3.11 16.55 -1.87
C ASN A 238 3.50 17.86 -2.57
N ASP A 239 4.50 18.53 -2.00
CA ASP A 239 4.92 19.86 -2.45
C ASP A 239 3.85 20.93 -2.14
N ASP A 240 2.58 20.53 -2.13
CA ASP A 240 1.50 21.37 -1.66
C ASP A 240 1.19 20.99 -0.23
N GLN A 241 1.18 21.97 0.67
CA GLN A 241 1.05 21.71 2.11
C GLN A 241 -0.40 21.74 2.58
N GLY A 242 -0.85 20.65 3.24
CA GLY A 242 -0.04 19.47 3.49
C GLY A 242 0.41 19.43 4.94
N VAL A 243 -0.15 18.53 5.74
CA VAL A 243 0.15 18.50 7.19
C VAL A 243 1.51 17.86 7.53
N LEU A 244 1.75 16.66 7.02
CA LEU A 244 2.95 15.90 7.39
C LEU A 244 3.97 15.74 6.28
N LEU A 245 5.23 15.78 6.67
CA LEU A 245 6.32 15.57 5.72
C LEU A 245 7.32 14.53 6.27
N GLY A 246 7.52 13.45 5.51
CA GLY A 246 8.39 12.36 5.91
C GLY A 246 9.76 12.37 5.25
N SER A 260 8.45 9.14 19.87
CA SER A 260 8.48 10.61 19.91
C SER A 260 7.17 11.23 20.46
N TRP A 261 6.35 11.82 19.58
CA TRP A 261 5.13 12.47 20.04
C TRP A 261 3.88 11.56 20.08
N ILE A 262 2.91 11.91 20.92
CA ILE A 262 1.91 10.96 21.42
C ILE A 262 0.46 11.30 21.13
N GLY A 263 0.22 12.17 20.15
CA GLY A 263 -1.13 12.61 19.88
C GLY A 263 -1.13 13.46 18.64
N SER A 264 -2.30 13.96 18.25
CA SER A 264 -2.43 14.64 16.97
C SER A 264 -2.50 16.16 17.13
N VAL A 265 -2.84 16.59 18.34
CA VAL A 265 -3.09 17.99 18.63
C VAL A 265 -1.91 18.91 18.32
N ASP A 266 -0.75 18.62 18.89
CA ASP A 266 0.42 19.45 18.66
C ASP A 266 0.73 19.53 17.17
N ILE A 267 0.72 18.38 16.51
CA ILE A 267 1.04 18.31 15.07
C ILE A 267 0.14 19.25 14.27
N LEU A 268 -1.15 19.23 14.60
CA LEU A 268 -2.16 19.97 13.86
C LEU A 268 -2.11 21.48 14.18
N ARG A 269 -1.98 21.82 15.45
CA ARG A 269 -1.81 23.20 15.86
C ARG A 269 -0.59 23.85 15.21
N ARG A 270 0.57 23.21 15.31
CA ARG A 270 1.77 23.74 14.67
C ARG A 270 1.56 23.90 13.18
N TRP A 271 0.83 22.97 12.58
CA TRP A 271 0.60 23.03 11.14
C TRP A 271 -0.06 24.32 10.72
N LYS A 272 -1.14 24.67 11.44
CA LYS A 272 -1.91 25.88 11.18
C LYS A 272 -1.01 27.11 11.16
N ASN A 273 -0.06 27.15 12.09
CA ASN A 273 0.98 28.17 12.10
C ASN A 273 2.00 27.92 11.00
N CYS A 284 5.38 6.71 11.14
CA CYS A 284 4.75 6.10 10.01
C CYS A 284 3.28 5.97 10.28
N TRP A 285 2.98 5.57 11.51
CA TRP A 285 1.61 5.45 12.00
C TRP A 285 1.05 6.84 12.26
N VAL A 286 1.90 7.86 12.16
CA VAL A 286 1.46 9.24 12.44
C VAL A 286 0.44 9.73 11.40
N PHE A 287 0.59 9.34 10.15
CA PHE A 287 -0.36 9.69 9.12
C PHE A 287 -1.77 9.17 9.44
N ALA A 288 -1.87 7.87 9.70
CA ALA A 288 -3.15 7.31 10.10
C ALA A 288 -3.73 8.01 11.33
N ALA A 289 -2.86 8.40 12.27
CA ALA A 289 -3.32 8.93 13.54
C ALA A 289 -3.97 10.31 13.35
N VAL A 290 -3.29 11.16 12.60
CA VAL A 290 -3.80 12.46 12.24
C VAL A 290 -5.08 12.35 11.42
N ALA A 291 -5.11 11.45 10.45
CA ALA A 291 -6.32 11.26 9.65
C ALA A 291 -7.51 10.91 10.55
N CYS A 292 -7.26 10.03 11.51
CA CYS A 292 -8.30 9.58 12.39
C CYS A 292 -8.79 10.73 13.26
N THR A 293 -7.87 11.58 13.70
CA THR A 293 -8.23 12.75 14.48
C THR A 293 -9.22 13.66 13.72
N VAL A 294 -8.78 14.13 12.55
CA VAL A 294 -9.61 14.89 11.61
C VAL A 294 -10.98 14.28 11.33
N LEU A 295 -11.01 13.00 10.99
CA LEU A 295 -12.28 12.41 10.59
C LEU A 295 -13.23 12.22 11.76
N ARG A 296 -12.68 11.88 12.93
CA ARG A 296 -13.53 11.82 14.13
C ARG A 296 -14.10 13.20 14.46
N CYS A 297 -13.27 14.23 14.27
CA CYS A 297 -13.69 15.59 14.48
C CYS A 297 -14.84 16.00 13.57
N LEU A 298 -14.79 15.59 12.30
CA LEU A 298 -15.83 15.97 11.37
C LEU A 298 -17.08 15.11 11.53
N GLY A 299 -16.96 14.03 12.29
CA GLY A 299 -18.12 13.24 12.68
C GLY A 299 -18.23 11.90 11.98
N ILE A 300 -17.23 11.57 11.16
CA ILE A 300 -17.14 10.29 10.48
C ILE A 300 -16.53 9.24 11.42
N PRO A 301 -17.27 8.16 11.71
CA PRO A 301 -16.71 7.15 12.62
C PRO A 301 -15.49 6.55 11.95
N THR A 302 -14.39 6.43 12.67
CA THR A 302 -13.13 6.09 12.05
C THR A 302 -12.27 5.30 12.99
N ARG A 303 -11.49 4.39 12.42
CA ARG A 303 -10.51 3.64 13.20
C ARG A 303 -9.16 3.47 12.51
N VAL A 304 -8.12 3.48 13.34
CA VAL A 304 -6.78 3.20 12.89
C VAL A 304 -6.58 1.69 12.84
N VAL A 305 -6.04 1.20 11.73
CA VAL A 305 -5.76 -0.23 11.60
C VAL A 305 -4.30 -0.44 11.21
N THR A 306 -3.74 -1.52 11.74
CA THR A 306 -2.37 -1.92 11.47
C THR A 306 -2.33 -3.31 10.82
N ASN A 307 -1.53 -3.43 9.77
CA ASN A 307 -1.33 -4.68 9.05
C ASN A 307 0.13 -5.10 9.22
N TYR A 308 0.35 -6.37 9.57
CA TYR A 308 1.72 -6.89 9.73
C TYR A 308 2.18 -7.79 8.59
N ASN A 309 3.39 -7.55 8.12
CA ASN A 309 4.01 -8.39 7.11
C ASN A 309 5.25 -9.05 7.72
N SER A 310 5.68 -10.17 7.15
CA SER A 310 6.81 -10.90 7.70
C SER A 310 7.68 -11.61 6.64
N ALA A 311 8.91 -11.93 7.00
CA ALA A 311 9.89 -12.48 6.06
C ALA A 311 10.56 -13.77 6.56
N SER A 316 19.71 -16.75 2.01
CA SER A 316 19.62 -15.69 1.02
C SER A 316 18.38 -15.86 0.15
N ASN A 317 17.76 -14.74 -0.21
CA ASN A 317 16.51 -14.74 -0.96
C ASN A 317 16.39 -13.45 -1.76
N LEU A 318 16.29 -13.57 -3.09
CA LEU A 318 16.20 -12.38 -3.93
C LEU A 318 15.17 -11.35 -3.43
N LEU A 319 14.03 -11.81 -2.91
CA LEU A 319 12.99 -10.90 -2.40
C LEU A 319 13.54 -9.92 -1.37
N ILE A 320 13.76 -10.43 -0.17
CA ILE A 320 14.44 -9.69 0.90
C ILE A 320 15.60 -8.84 0.36
N GLU A 321 16.44 -9.43 -0.49
CA GLU A 321 17.54 -8.67 -1.06
C GLU A 321 17.00 -7.44 -1.75
N TYR A 322 16.14 -7.68 -2.74
CA TYR A 322 15.45 -6.64 -3.50
C TYR A 322 15.00 -5.44 -2.65
N PHE A 323 14.31 -5.71 -1.55
CA PHE A 323 13.85 -4.70 -0.61
C PHE A 323 15.00 -4.01 0.13
N ARG A 324 15.48 -4.64 1.20
CA ARG A 324 16.66 -4.16 1.93
C ARG A 324 17.62 -3.36 1.06
N SER A 335 7.33 4.09 -6.00
CA SER A 335 8.25 3.56 -5.00
C SER A 335 7.47 2.98 -3.81
N GLU A 336 7.00 1.74 -3.99
CA GLU A 336 6.27 1.04 -2.94
C GLU A 336 6.94 -0.28 -2.53
N MET A 337 7.47 -0.28 -1.32
CA MET A 337 8.14 -1.41 -0.72
C MET A 337 7.21 -2.12 0.26
N ILE A 338 7.79 -2.97 1.10
CA ILE A 338 7.02 -3.76 2.07
C ILE A 338 7.71 -3.66 3.43
N TRP A 339 6.95 -3.34 4.47
CA TRP A 339 7.49 -3.07 5.79
C TRP A 339 6.96 -4.09 6.78
N ASN A 340 7.54 -4.14 7.97
CA ASN A 340 7.07 -5.03 9.02
C ASN A 340 5.60 -4.78 9.37
N PHE A 341 5.19 -3.52 9.41
CA PHE A 341 3.77 -3.19 9.56
C PHE A 341 3.35 -1.95 8.74
N HIS A 342 2.06 -1.71 8.63
CA HIS A 342 1.55 -0.59 7.85
C HIS A 342 0.20 -0.09 8.42
N CYS A 343 0.05 1.22 8.55
CA CYS A 343 -1.15 1.77 9.17
C CYS A 343 -2.00 2.59 8.20
N TRP A 344 -3.31 2.37 8.23
CA TRP A 344 -4.22 3.25 7.52
C TRP A 344 -5.48 3.47 8.37
N VAL A 345 -6.52 4.09 7.82
CA VAL A 345 -7.76 4.22 8.58
C VAL A 345 -8.94 3.54 7.89
N GLU A 346 -9.93 3.21 8.70
CA GLU A 346 -11.24 2.83 8.20
C GLU A 346 -12.31 3.85 8.64
N SER A 347 -13.14 4.28 7.71
CA SER A 347 -14.28 5.13 8.07
C SER A 347 -15.58 4.39 7.72
N TRP A 348 -16.66 4.72 8.44
CA TRP A 348 -17.94 4.04 8.26
C TRP A 348 -18.90 4.93 7.50
N MET A 349 -19.43 4.42 6.38
CA MET A 349 -20.40 5.18 5.59
C MET A 349 -21.09 4.28 4.58
N THR A 350 -22.20 4.77 4.02
CA THR A 350 -22.82 4.09 2.89
C THR A 350 -22.09 4.50 1.61
N ARG A 351 -22.36 3.79 0.53
CA ARG A 351 -21.70 4.04 -0.73
C ARG A 351 -22.73 4.02 -1.84
N PRO A 352 -23.54 5.08 -1.93
CA PRO A 352 -24.59 5.14 -2.96
C PRO A 352 -23.95 5.41 -4.31
N ASP A 353 -22.69 5.83 -4.28
CA ASP A 353 -21.96 6.13 -5.50
C ASP A 353 -21.51 4.83 -6.18
N LEU A 354 -21.45 3.75 -5.39
CA LEU A 354 -21.13 2.41 -5.89
C LEU A 354 -22.41 1.63 -6.04
N GLN A 355 -22.24 0.38 -6.46
CA GLN A 355 -23.31 -0.60 -6.50
C GLN A 355 -23.74 -0.94 -5.06
N PRO A 356 -24.87 -1.62 -4.92
CA PRO A 356 -25.44 -1.87 -3.58
C PRO A 356 -24.62 -2.90 -2.80
N GLY A 357 -24.58 -2.74 -1.48
CA GLY A 357 -23.91 -3.72 -0.64
C GLY A 357 -22.50 -3.33 -0.20
N TYR A 358 -22.05 -2.14 -0.57
CA TYR A 358 -20.69 -1.71 -0.21
C TYR A 358 -20.63 -0.67 0.93
N GLU A 359 -21.74 -0.51 1.63
CA GLU A 359 -21.78 0.34 2.81
C GLU A 359 -21.10 -0.36 3.98
N GLY A 360 -20.57 0.42 4.92
CA GLY A 360 -19.90 -0.14 6.07
C GLY A 360 -18.50 0.43 6.08
N TRP A 361 -17.50 -0.37 6.48
CA TRP A 361 -16.14 0.15 6.60
C TRP A 361 -15.51 0.44 5.25
N GLN A 362 -14.89 1.62 5.10
CA GLN A 362 -14.12 1.97 3.90
C GLN A 362 -12.67 2.24 4.28
N ALA A 363 -11.74 1.61 3.58
CA ALA A 363 -10.30 1.84 3.81
C ALA A 363 -9.82 3.14 3.15
N LEU A 364 -8.98 3.88 3.86
CA LEU A 364 -8.43 5.12 3.36
C LEU A 364 -6.97 5.12 3.80
N ASP A 365 -6.05 5.37 2.88
CA ASP A 365 -4.63 5.37 3.24
C ASP A 365 -3.93 6.71 3.06
N PRO A 366 -3.75 7.46 4.16
CA PRO A 366 -3.10 8.78 4.20
C PRO A 366 -1.59 8.68 4.07
N THR A 367 -1.11 7.49 3.75
CA THR A 367 0.32 7.25 3.61
C THR A 367 0.82 7.71 2.24
N PRO A 368 2.02 8.33 2.23
CA PRO A 368 2.72 8.89 1.06
C PRO A 368 2.70 7.99 -0.16
N CYS A 377 -4.02 11.29 -2.76
CA CYS A 377 -5.35 10.78 -2.40
C CYS A 377 -5.46 9.26 -2.57
N CYS A 378 -6.01 8.57 -1.56
CA CYS A 378 -6.12 7.12 -1.60
C CYS A 378 -7.33 6.56 -0.81
N GLY A 379 -8.31 6.05 -1.53
CA GLY A 379 -9.57 5.67 -0.92
C GLY A 379 -10.61 6.76 -1.13
N PRO A 380 -11.83 6.52 -0.61
CA PRO A 380 -12.15 5.32 0.18
C PRO A 380 -12.53 4.14 -0.69
N VAL A 381 -12.22 2.94 -0.22
CA VAL A 381 -12.61 1.73 -0.93
C VAL A 381 -13.21 0.77 0.09
N PRO A 382 -14.35 0.15 -0.23
CA PRO A 382 -14.98 -0.71 0.77
C PRO A 382 -14.00 -1.84 1.17
N VAL A 383 -14.03 -2.27 2.44
CA VAL A 383 -13.15 -3.33 2.85
C VAL A 383 -13.59 -4.68 2.26
N ARG A 384 -14.87 -4.80 1.95
CA ARG A 384 -15.39 -6.05 1.42
C ARG A 384 -14.97 -6.24 -0.02
N ALA A 385 -14.69 -5.14 -0.72
CA ALA A 385 -14.25 -5.17 -2.10
C ALA A 385 -12.83 -5.65 -2.15
N ILE A 386 -12.04 -5.27 -1.15
CA ILE A 386 -10.69 -5.81 -1.03
C ILE A 386 -10.77 -7.31 -0.78
N LYS A 387 -11.53 -7.69 0.24
CA LYS A 387 -11.70 -9.10 0.58
C LYS A 387 -12.27 -9.92 -0.58
N GLU A 388 -13.05 -9.28 -1.44
CA GLU A 388 -13.75 -10.00 -2.50
C GLU A 388 -13.01 -10.00 -3.84
N GLY A 389 -11.82 -9.42 -3.87
CA GLY A 389 -11.10 -9.26 -5.12
C GLY A 389 -11.87 -8.49 -6.19
N ASP A 390 -12.82 -7.67 -5.79
CA ASP A 390 -13.46 -6.82 -6.78
C ASP A 390 -12.71 -5.50 -6.88
N LEU A 391 -11.61 -5.50 -7.62
CA LEU A 391 -10.72 -4.35 -7.63
C LEU A 391 -11.15 -3.23 -8.58
N SER A 392 -12.21 -3.47 -9.34
CA SER A 392 -12.74 -2.46 -10.25
C SER A 392 -13.42 -1.33 -9.46
N THR A 393 -13.81 -1.65 -8.23
CA THR A 393 -14.51 -0.75 -7.32
C THR A 393 -13.67 0.44 -6.87
N LYS A 394 -14.22 1.64 -7.00
CA LYS A 394 -13.57 2.87 -6.53
C LYS A 394 -13.69 3.00 -5.02
N TYR A 395 -12.70 3.62 -4.38
CA TYR A 395 -11.53 4.18 -5.05
C TYR A 395 -10.25 3.40 -4.71
N ASP A 396 -9.39 3.23 -5.71
CA ASP A 396 -8.03 2.75 -5.48
C ASP A 396 -7.93 1.31 -4.92
N ALA A 397 -8.87 0.45 -5.32
CA ALA A 397 -8.90 -0.93 -4.84
C ALA A 397 -7.53 -1.60 -4.91
N PRO A 398 -6.90 -1.60 -6.10
CA PRO A 398 -5.69 -2.43 -6.25
C PRO A 398 -4.61 -2.06 -5.23
N PHE A 399 -4.53 -0.78 -4.90
CA PHE A 399 -3.47 -0.31 -4.01
C PHE A 399 -3.63 -0.89 -2.60
N VAL A 400 -4.88 -0.95 -2.13
CA VAL A 400 -5.17 -1.47 -0.81
C VAL A 400 -5.04 -2.99 -0.82
N PHE A 401 -5.51 -3.60 -1.90
CA PHE A 401 -5.36 -5.04 -2.08
C PHE A 401 -3.91 -5.48 -1.91
N ALA A 402 -2.99 -4.71 -2.49
CA ALA A 402 -1.57 -5.04 -2.42
C ALA A 402 -0.95 -4.82 -1.05
N GLU A 403 -1.64 -4.12 -0.17
CA GLU A 403 -1.12 -3.95 1.19
C GLU A 403 -1.31 -5.21 2.04
N VAL A 404 -2.23 -6.08 1.62
CA VAL A 404 -2.67 -7.24 2.40
C VAL A 404 -2.59 -8.56 1.63
N ASN A 405 -2.24 -8.48 0.36
CA ASN A 405 -1.98 -9.68 -0.44
C ASN A 405 -0.61 -9.66 -1.11
N ALA A 406 -0.08 -10.85 -1.31
CA ALA A 406 1.17 -11.02 -2.05
C ALA A 406 1.21 -12.47 -2.46
N ASP A 407 1.44 -12.69 -3.74
CA ASP A 407 1.41 -14.02 -4.34
C ASP A 407 2.86 -14.37 -4.73
N VAL A 408 3.47 -15.30 -4.00
CA VAL A 408 4.88 -15.63 -4.21
C VAL A 408 5.10 -17.06 -4.70
N VAL A 409 5.69 -17.19 -5.90
CA VAL A 409 5.80 -18.50 -6.56
C VAL A 409 7.23 -18.92 -6.92
N ASP A 410 7.59 -20.15 -6.56
CA ASP A 410 8.90 -20.71 -6.88
C ASP A 410 8.93 -21.41 -8.23
N TRP A 411 9.99 -21.15 -9.00
CA TRP A 411 10.39 -22.01 -10.10
C TRP A 411 11.84 -22.36 -9.82
N ILE A 412 12.04 -23.50 -9.18
CA ILE A 412 13.37 -23.95 -8.81
C ILE A 412 13.79 -25.14 -9.68
N GLN A 413 12.83 -25.67 -10.45
CA GLN A 413 13.04 -26.81 -11.36
C GLN A 413 14.48 -27.32 -11.44
N LYS A 421 7.40 -25.81 -10.19
CA LYS A 421 6.55 -24.67 -9.81
C LYS A 421 5.86 -24.87 -8.45
N SER A 422 6.34 -24.16 -7.43
CA SER A 422 5.82 -24.33 -6.08
C SER A 422 5.48 -23.00 -5.43
N ILE A 423 4.75 -23.05 -4.30
CA ILE A 423 4.41 -21.86 -3.53
C ILE A 423 5.52 -21.49 -2.54
N ASN A 424 6.14 -20.34 -2.75
CA ASN A 424 7.16 -19.82 -1.84
C ASN A 424 6.50 -19.07 -0.67
N ARG A 425 6.64 -19.59 0.54
CA ARG A 425 6.07 -18.94 1.72
C ARG A 425 7.14 -18.24 2.55
N SER A 426 8.09 -17.60 1.87
CA SER A 426 9.15 -16.85 2.54
C SER A 426 8.72 -15.40 2.73
N LEU A 427 7.69 -15.00 1.98
CA LEU A 427 7.06 -13.70 2.20
C LEU A 427 5.61 -13.90 2.55
N ILE A 428 5.20 -13.31 3.67
CA ILE A 428 3.82 -13.43 4.12
C ILE A 428 3.21 -12.07 4.45
N VAL A 429 2.42 -11.52 3.53
CA VAL A 429 1.79 -10.24 3.76
C VAL A 429 0.34 -10.38 4.19
N GLY A 430 -0.10 -9.49 5.09
CA GLY A 430 -1.47 -9.51 5.59
C GLY A 430 -1.68 -10.42 6.79
N LEU A 431 -1.08 -10.08 7.92
CA LEU A 431 -1.19 -10.91 9.13
C LEU A 431 -1.66 -10.08 10.33
N LYS A 432 -2.45 -10.70 11.20
CA LYS A 432 -2.93 -10.04 12.41
C LYS A 432 -3.33 -8.59 12.17
N ILE A 433 -4.17 -8.34 11.17
CA ILE A 433 -4.68 -6.99 10.94
C ILE A 433 -5.47 -6.51 12.18
N SER A 434 -5.09 -5.37 12.73
CA SER A 434 -5.52 -5.05 14.10
C SER A 434 -6.09 -3.64 14.34
N THR A 435 -7.00 -3.58 15.30
CA THR A 435 -7.59 -2.32 15.71
C THR A 435 -8.17 -2.48 17.11
N LYS A 436 -8.26 -1.38 17.84
CA LYS A 436 -8.73 -1.38 19.24
C LYS A 436 -10.18 -1.88 19.39
N SER A 437 -10.40 -2.70 20.41
CA SER A 437 -11.75 -3.14 20.79
C SER A 437 -12.64 -1.94 21.11
N VAL A 438 -13.93 -2.14 20.93
CA VAL A 438 -14.90 -1.12 21.25
C VAL A 438 -15.01 -1.04 22.76
N GLY A 439 -14.80 0.16 23.30
CA GLY A 439 -14.99 0.44 24.72
C GLY A 439 -14.19 -0.42 25.68
N ARG A 440 -13.07 -0.97 25.22
CA ARG A 440 -12.21 -1.76 26.08
C ARG A 440 -10.75 -1.59 25.64
N ASP A 441 -9.83 -1.73 26.57
CA ASP A 441 -8.40 -1.54 26.28
C ASP A 441 -7.74 -2.80 25.71
N GLU A 442 -8.32 -3.37 24.66
CA GLU A 442 -7.72 -4.53 24.03
C GLU A 442 -7.87 -4.55 22.53
N ARG A 443 -7.03 -5.36 21.89
CA ARG A 443 -6.88 -5.39 20.45
C ARG A 443 -7.95 -6.29 19.82
N GLU A 444 -8.56 -5.82 18.75
CA GLU A 444 -9.46 -6.65 17.95
C GLU A 444 -8.71 -7.09 16.70
N ASP A 445 -8.80 -8.37 16.34
CA ASP A 445 -8.14 -8.83 15.12
C ASP A 445 -9.17 -8.90 13.99
N ILE A 446 -8.96 -8.08 12.97
CA ILE A 446 -9.90 -7.97 11.88
C ILE A 446 -9.31 -8.48 10.58
N THR A 447 -8.35 -9.39 10.66
CA THR A 447 -7.76 -9.99 9.47
C THR A 447 -8.88 -10.56 8.58
N HIS A 448 -9.85 -11.22 9.21
CA HIS A 448 -10.97 -11.85 8.50
C HIS A 448 -11.76 -10.91 7.59
N THR A 449 -11.77 -9.62 7.90
CA THR A 449 -12.52 -8.67 7.09
C THR A 449 -11.80 -8.42 5.76
N TYR A 450 -10.50 -8.51 5.79
CA TYR A 450 -9.74 -8.33 4.57
C TYR A 450 -9.52 -9.62 3.76
N LYS A 451 -9.50 -10.77 4.43
CA LYS A 451 -9.09 -12.00 3.76
C LYS A 451 -9.86 -13.25 4.19
N TYR A 452 -10.41 -13.97 3.21
CA TYR A 452 -10.95 -15.31 3.45
C TYR A 452 -9.83 -16.23 3.95
N PRO A 453 -10.18 -17.27 4.70
CA PRO A 453 -9.14 -18.19 5.20
C PRO A 453 -8.29 -18.77 4.06
N GLU A 454 -6.97 -18.88 4.27
CA GLU A 454 -6.07 -19.45 3.25
C GLU A 454 -6.53 -20.84 2.78
N GLY A 455 -6.64 -21.01 1.47
CA GLY A 455 -6.95 -22.32 0.90
C GLY A 455 -8.41 -22.62 0.68
N SER A 456 -9.28 -21.65 0.98
CA SER A 456 -10.72 -21.83 0.81
C SER A 456 -11.18 -21.52 -0.61
N SER A 457 -12.40 -21.94 -0.94
CA SER A 457 -12.97 -21.67 -2.26
C SER A 457 -13.32 -20.20 -2.42
N GLU A 458 -13.60 -19.51 -1.32
CA GLU A 458 -13.85 -18.06 -1.37
C GLU A 458 -12.55 -17.30 -1.58
N GLU A 459 -11.47 -17.80 -0.98
CA GLU A 459 -10.17 -17.16 -1.13
C GLU A 459 -9.67 -17.32 -2.55
N ARG A 460 -9.92 -18.50 -3.12
CA ARG A 460 -9.49 -18.82 -4.48
C ARG A 460 -10.37 -18.11 -5.51
N GLU A 461 -11.68 -18.19 -5.32
CA GLU A 461 -12.63 -17.50 -6.16
C GLU A 461 -12.35 -15.99 -6.18
N ALA A 462 -11.90 -15.46 -5.04
CA ALA A 462 -11.61 -14.05 -4.90
C ALA A 462 -10.31 -13.70 -5.59
N PHE A 463 -9.35 -14.61 -5.55
CA PHE A 463 -8.07 -14.37 -6.20
C PHE A 463 -8.29 -14.23 -7.69
N THR A 464 -9.27 -14.96 -8.21
CA THR A 464 -9.59 -14.92 -9.63
C THR A 464 -10.23 -13.61 -10.06
N ARG A 465 -11.25 -13.18 -9.31
CA ARG A 465 -11.93 -11.91 -9.62
C ARG A 465 -10.88 -10.79 -9.74
N ALA A 466 -9.86 -10.88 -8.89
CA ALA A 466 -8.77 -9.90 -8.84
C ALA A 466 -7.80 -10.01 -10.01
N ASN A 467 -7.26 -11.22 -10.21
CA ASN A 467 -6.19 -11.45 -11.17
C ASN A 467 -6.65 -11.59 -12.62
N HIS A 468 -7.96 -11.76 -12.81
CA HIS A 468 -8.53 -12.08 -14.13
C HIS A 468 -8.11 -13.47 -14.62
N GLY A 479 -0.97 -17.15 -14.68
CA GLY A 479 -0.58 -18.11 -15.71
C GLY A 479 0.80 -17.80 -16.27
N MET A 480 1.44 -16.76 -15.73
CA MET A 480 2.76 -16.37 -16.18
C MET A 480 3.84 -17.23 -15.51
N ALA A 481 4.84 -17.63 -16.31
CA ALA A 481 5.89 -18.55 -15.85
C ALA A 481 7.32 -18.08 -16.19
N MET A 482 8.28 -18.46 -15.36
CA MET A 482 9.67 -18.04 -15.57
C MET A 482 10.70 -19.16 -15.27
N ARG A 483 11.65 -19.35 -16.17
CA ARG A 483 12.72 -20.34 -16.03
C ARG A 483 14.03 -19.72 -16.49
N ILE A 484 15.14 -20.23 -15.94
CA ILE A 484 16.46 -19.83 -16.40
C ILE A 484 16.90 -20.75 -17.53
N ARG A 485 17.30 -20.16 -18.64
CA ARG A 485 17.72 -20.91 -19.81
C ARG A 485 19.16 -20.51 -20.09
N VAL A 486 19.89 -21.39 -20.78
CA VAL A 486 21.31 -21.19 -21.08
C VAL A 486 21.59 -21.15 -22.58
N GLY A 487 20.98 -22.07 -23.33
CA GLY A 487 21.19 -22.17 -24.76
C GLY A 487 22.39 -23.02 -25.14
N GLN A 488 23.46 -22.38 -25.61
CA GLN A 488 24.67 -23.07 -26.04
C GLN A 488 25.52 -23.48 -24.82
N SER A 489 26.62 -24.22 -25.06
CA SER A 489 27.47 -24.73 -23.99
C SER A 489 28.38 -23.68 -23.32
N MET A 490 28.51 -23.77 -22.00
CA MET A 490 29.34 -22.82 -21.24
C MET A 490 30.56 -23.50 -20.65
N ASN A 491 31.70 -22.81 -20.71
CA ASN A 491 32.96 -23.43 -20.39
C ASN A 491 33.83 -22.55 -19.53
N MET A 492 34.40 -23.12 -18.49
CA MET A 492 35.41 -22.47 -17.69
C MET A 492 36.33 -21.67 -18.60
N GLY A 493 36.34 -20.35 -18.44
CA GLY A 493 37.18 -19.50 -19.27
C GLY A 493 36.46 -18.67 -20.32
N SER A 494 35.22 -19.01 -20.63
CA SER A 494 34.47 -18.25 -21.64
C SER A 494 33.44 -17.28 -21.04
N ASP A 495 33.03 -16.28 -21.82
CA ASP A 495 31.88 -15.42 -21.47
C ASP A 495 30.65 -15.99 -22.18
N PHE A 496 29.47 -15.79 -21.59
CA PHE A 496 28.25 -16.36 -22.15
C PHE A 496 27.00 -15.75 -21.53
N ASP A 497 25.90 -15.78 -22.27
CA ASP A 497 24.64 -15.26 -21.78
C ASP A 497 23.88 -16.30 -20.95
N VAL A 498 23.18 -15.82 -19.93
CA VAL A 498 22.11 -16.59 -19.30
C VAL A 498 20.84 -15.78 -19.50
N PHE A 499 19.70 -16.47 -19.49
CA PHE A 499 18.44 -15.86 -19.83
C PHE A 499 17.38 -16.11 -18.76
N ALA A 500 16.62 -15.06 -18.43
CA ALA A 500 15.35 -15.25 -17.77
C ALA A 500 14.35 -15.47 -18.90
N HIS A 501 13.83 -16.69 -19.01
CA HIS A 501 12.85 -16.98 -20.04
C HIS A 501 11.43 -16.85 -19.47
N ILE A 502 10.76 -15.78 -19.86
CA ILE A 502 9.42 -15.50 -19.35
C ILE A 502 8.34 -15.82 -20.37
N THR A 503 7.37 -16.62 -19.95
CA THR A 503 6.26 -16.98 -20.80
C THR A 503 4.97 -16.35 -20.28
N ASN A 504 4.15 -15.81 -21.17
CA ASN A 504 2.89 -15.21 -20.76
C ASN A 504 1.68 -15.74 -21.51
N ASN A 505 1.25 -16.97 -21.19
CA ASN A 505 0.05 -17.53 -21.79
C ASN A 505 -1.26 -17.07 -21.12
N THR A 506 -1.39 -15.76 -20.95
CA THR A 506 -2.64 -15.14 -20.53
C THR A 506 -3.05 -14.10 -21.55
N ALA A 507 -4.27 -13.59 -21.41
CA ALA A 507 -4.76 -12.53 -22.29
C ALA A 507 -4.47 -11.17 -21.68
N GLU A 508 -3.76 -11.18 -20.55
CA GLU A 508 -3.39 -9.95 -19.85
C GLU A 508 -2.06 -9.37 -20.34
N GLU A 509 -1.94 -8.05 -20.25
CA GLU A 509 -0.67 -7.38 -20.50
C GLU A 509 -0.09 -6.99 -19.15
N TYR A 510 1.21 -7.21 -18.99
CA TYR A 510 1.84 -6.96 -17.70
C TYR A 510 2.95 -5.95 -17.81
N VAL A 511 3.33 -5.39 -16.67
CA VAL A 511 4.51 -4.54 -16.57
C VAL A 511 5.21 -4.86 -15.27
N CYS A 512 6.40 -5.46 -15.37
CA CYS A 512 7.05 -5.97 -14.17
C CYS A 512 8.41 -5.36 -13.94
N ARG A 513 8.89 -5.50 -12.71
CA ARG A 513 10.28 -5.24 -12.42
C ARG A 513 11.00 -6.59 -12.54
N LEU A 514 12.27 -6.58 -12.93
CA LEU A 514 13.02 -7.84 -13.10
C LEU A 514 14.44 -7.74 -12.54
N LEU A 515 14.75 -8.65 -11.62
CA LEU A 515 16.10 -8.75 -11.09
C LEU A 515 16.71 -10.05 -11.57
N LEU A 516 17.82 -9.91 -12.28
CA LEU A 516 18.51 -11.03 -12.87
C LEU A 516 19.93 -10.88 -12.40
N CYS A 517 20.47 -11.92 -11.77
CA CYS A 517 21.79 -11.80 -11.15
C CYS A 517 22.44 -13.13 -10.86
N ALA A 518 23.77 -13.12 -10.86
CA ALA A 518 24.57 -14.32 -10.70
C ALA A 518 25.68 -14.14 -9.65
N ARG A 519 25.97 -15.22 -8.92
CA ARG A 519 26.99 -15.23 -7.89
C ARG A 519 27.57 -16.64 -7.89
N THR A 520 28.83 -16.77 -7.47
CA THR A 520 29.44 -18.09 -7.40
C THR A 520 28.92 -18.82 -6.17
N VAL A 521 29.00 -20.16 -6.21
CA VAL A 521 28.53 -20.97 -5.11
C VAL A 521 29.40 -22.22 -4.98
N SER A 522 29.76 -22.57 -3.76
CA SER A 522 30.55 -23.77 -3.51
C SER A 522 29.70 -25.01 -3.73
N TYR A 523 30.33 -26.18 -3.74
CA TYR A 523 29.59 -27.44 -3.85
C TYR A 523 28.67 -27.62 -2.64
N ASN A 524 29.06 -27.03 -1.51
CA ASN A 524 28.30 -27.14 -0.26
C ASN A 524 27.08 -26.21 -0.20
N GLY A 525 27.06 -25.20 -1.07
CA GLY A 525 25.93 -24.30 -1.16
C GLY A 525 26.19 -22.91 -0.62
N ILE A 526 27.46 -22.60 -0.34
CA ILE A 526 27.83 -21.28 0.18
C ILE A 526 28.04 -20.28 -0.97
N LEU A 527 27.37 -19.13 -0.86
CA LEU A 527 27.35 -18.14 -1.94
C LEU A 527 28.52 -17.16 -1.94
N GLY A 528 29.34 -17.25 -2.99
CA GLY A 528 30.41 -16.29 -3.22
C GLY A 528 29.87 -14.95 -3.66
N PRO A 529 30.74 -14.11 -4.25
CA PRO A 529 30.44 -12.74 -4.67
C PRO A 529 29.74 -12.63 -6.03
N GLU A 530 28.99 -11.54 -6.20
CA GLU A 530 28.22 -11.29 -7.43
C GLU A 530 29.09 -11.08 -8.66
N CYS A 531 28.78 -11.81 -9.72
CA CYS A 531 29.53 -11.71 -10.96
C CYS A 531 28.62 -11.40 -12.16
N GLY A 532 27.56 -10.66 -11.91
CA GLY A 532 26.63 -10.24 -12.95
C GLY A 532 25.29 -9.75 -12.42
N THR A 533 24.85 -8.58 -12.88
CA THR A 533 23.53 -8.08 -12.49
C THR A 533 22.82 -7.24 -13.58
N LYS A 534 21.53 -7.50 -13.73
CA LYS A 534 20.72 -6.74 -14.65
C LYS A 534 19.40 -6.44 -13.98
N TYR A 535 19.15 -5.16 -13.71
CA TYR A 535 17.84 -4.74 -13.21
C TYR A 535 17.02 -4.07 -14.31
N LEU A 536 15.74 -4.39 -14.34
CA LEU A 536 14.83 -3.76 -15.29
C LEU A 536 13.58 -3.26 -14.55
N LEU A 537 13.47 -1.94 -14.39
CA LEU A 537 12.34 -1.34 -13.69
C LEU A 537 11.01 -1.65 -14.37
N ASN A 538 10.97 -1.55 -15.70
CA ASN A 538 9.72 -1.81 -16.43
C ASN A 538 9.87 -2.76 -17.61
N LEU A 539 9.56 -4.03 -17.36
CA LEU A 539 9.65 -5.03 -18.40
C LEU A 539 8.25 -5.32 -18.92
N ASN A 540 7.99 -5.01 -20.19
CA ASN A 540 6.65 -5.23 -20.72
C ASN A 540 6.39 -6.62 -21.29
N LEU A 541 5.32 -7.25 -20.81
CA LEU A 541 4.93 -8.59 -21.23
C LEU A 541 3.61 -8.61 -21.98
N GLU A 542 3.69 -8.72 -23.30
CA GLU A 542 2.50 -8.74 -24.13
C GLU A 542 1.71 -10.01 -23.89
N PRO A 543 0.40 -9.99 -24.19
CA PRO A 543 -0.41 -11.20 -24.01
C PRO A 543 0.09 -12.33 -24.92
N PHE A 544 -0.09 -13.57 -24.49
CA PHE A 544 0.26 -14.75 -25.27
C PHE A 544 1.60 -14.63 -25.98
N SER A 545 2.64 -14.39 -25.19
CA SER A 545 3.98 -14.20 -25.73
C SER A 545 5.00 -14.62 -24.71
N GLU A 546 6.25 -14.70 -25.15
CA GLU A 546 7.35 -15.03 -24.27
C GLU A 546 8.58 -14.16 -24.54
N LYS A 547 9.59 -14.29 -23.70
CA LYS A 547 10.74 -13.41 -23.73
C LYS A 547 11.94 -14.13 -23.15
N SER A 548 13.09 -13.95 -23.78
CA SER A 548 14.34 -14.43 -23.21
C SER A 548 15.24 -13.25 -22.87
N VAL A 549 15.34 -12.94 -21.58
CA VAL A 549 16.07 -11.75 -21.17
C VAL A 549 17.47 -12.14 -20.76
N PRO A 550 18.46 -11.59 -21.46
CA PRO A 550 19.87 -11.94 -21.31
C PRO A 550 20.58 -11.16 -20.21
N LEU A 551 21.46 -11.86 -19.51
CA LEU A 551 22.47 -11.29 -18.65
C LEU A 551 23.78 -11.96 -19.08
N CYS A 552 24.80 -11.16 -19.32
CA CYS A 552 26.05 -11.68 -19.87
C CYS A 552 27.04 -11.94 -18.74
N ILE A 553 27.44 -13.20 -18.58
CA ILE A 553 28.42 -13.56 -17.56
C ILE A 553 29.82 -13.50 -18.15
N LEU A 554 30.68 -12.70 -17.52
CA LEU A 554 32.03 -12.49 -18.04
C LEU A 554 33.08 -13.25 -17.26
N TYR A 555 34.00 -13.87 -17.98
CA TYR A 555 35.14 -14.49 -17.35
C TYR A 555 35.82 -13.43 -16.50
N GLU A 556 36.04 -12.27 -17.10
CA GLU A 556 36.71 -11.17 -16.43
C GLU A 556 36.13 -10.92 -15.04
N LYS A 557 34.86 -11.29 -14.86
CA LYS A 557 34.13 -10.95 -13.64
C LYS A 557 33.92 -12.11 -12.66
N TYR A 558 34.07 -13.35 -13.12
CA TYR A 558 33.90 -14.47 -12.18
C TYR A 558 35.19 -15.17 -11.81
N ARG A 559 36.19 -15.14 -12.69
CA ARG A 559 37.44 -15.85 -12.45
C ARG A 559 37.99 -15.62 -11.05
N ASP A 560 38.29 -14.36 -10.74
CA ASP A 560 38.88 -14.00 -9.45
C ASP A 560 38.06 -14.48 -8.24
N CYS A 561 36.73 -14.48 -8.38
CA CYS A 561 35.84 -14.80 -7.25
C CYS A 561 35.30 -16.25 -7.27
N LEU A 562 35.76 -17.06 -8.21
CA LEU A 562 35.31 -18.45 -8.33
C LEU A 562 35.78 -19.31 -7.16
N THR A 563 35.00 -20.34 -6.83
CA THR A 563 35.29 -21.24 -5.73
C THR A 563 35.78 -22.56 -6.30
N GLU A 564 36.15 -23.48 -5.40
CA GLU A 564 36.58 -24.82 -5.81
C GLU A 564 35.41 -25.53 -6.49
N SER A 565 34.22 -24.97 -6.27
CA SER A 565 32.97 -25.51 -6.80
C SER A 565 32.94 -25.51 -8.31
N ASN A 566 33.30 -24.36 -8.92
CA ASN A 566 33.24 -24.25 -10.37
C ASN A 566 31.79 -23.90 -10.79
N LEU A 567 30.97 -23.58 -9.78
CA LEU A 567 29.54 -23.34 -9.98
C LEU A 567 29.17 -21.87 -9.90
N ILE A 568 28.24 -21.46 -10.75
CA ILE A 568 27.60 -20.15 -10.63
C ILE A 568 26.11 -20.34 -10.44
N LYS A 569 25.53 -19.55 -9.53
CA LYS A 569 24.09 -19.60 -9.26
C LYS A 569 23.35 -18.44 -9.92
N VAL A 570 22.50 -18.75 -10.89
CA VAL A 570 21.65 -17.71 -11.50
C VAL A 570 20.31 -17.60 -10.78
N ARG A 571 19.93 -16.38 -10.44
CA ARG A 571 18.64 -16.12 -9.78
C ARG A 571 17.88 -14.99 -10.47
N ALA A 572 16.59 -15.23 -10.74
CA ALA A 572 15.72 -14.17 -11.28
C ALA A 572 14.51 -13.89 -10.40
N LEU A 573 14.12 -12.61 -10.33
CA LEU A 573 12.91 -12.20 -9.62
C LEU A 573 12.06 -11.34 -10.52
N LEU A 574 10.83 -11.77 -10.76
CA LEU A 574 9.92 -10.96 -11.55
C LEU A 574 8.82 -10.41 -10.63
N VAL A 575 8.70 -9.09 -10.53
CA VAL A 575 7.66 -8.48 -9.70
C VAL A 575 6.56 -7.86 -10.53
N GLU A 576 5.33 -8.29 -10.28
CA GLU A 576 4.16 -7.62 -10.86
C GLU A 576 3.49 -6.79 -9.75
N PRO A 577 3.81 -5.48 -9.70
CA PRO A 577 3.54 -4.59 -8.57
C PRO A 577 2.06 -4.42 -8.26
N VAL A 578 1.22 -4.34 -9.28
CA VAL A 578 -0.17 -4.00 -9.05
C VAL A 578 -0.84 -5.02 -8.14
N ILE A 579 -0.91 -6.26 -8.61
CA ILE A 579 -1.54 -7.33 -7.85
C ILE A 579 -0.59 -7.80 -6.75
N ASN A 580 0.66 -7.32 -6.82
CA ASN A 580 1.71 -7.73 -5.88
C ASN A 580 2.13 -9.21 -6.02
N SER A 581 2.37 -9.65 -7.25
CA SER A 581 2.79 -11.02 -7.49
C SER A 581 4.30 -11.10 -7.69
N TYR A 582 4.89 -12.22 -7.28
CA TYR A 582 6.32 -12.42 -7.37
C TYR A 582 6.63 -13.78 -7.99
N LEU A 583 7.61 -13.80 -8.90
CA LEU A 583 8.10 -15.05 -9.49
C LEU A 583 9.59 -15.19 -9.29
N LEU A 584 10.00 -16.31 -8.71
CA LEU A 584 11.40 -16.61 -8.50
C LEU A 584 11.80 -17.81 -9.35
N ALA A 585 12.90 -17.69 -10.09
CA ALA A 585 13.52 -18.83 -10.76
C ALA A 585 14.98 -18.82 -10.38
N GLU A 586 15.50 -20.02 -10.10
CA GLU A 586 16.86 -20.16 -9.63
C GLU A 586 17.45 -21.41 -10.29
N ARG A 587 18.75 -21.37 -10.53
CA ARG A 587 19.40 -22.43 -11.26
C ARG A 587 20.90 -22.30 -11.12
N ASP A 588 21.56 -23.40 -10.74
CA ASP A 588 23.01 -23.46 -10.66
C ASP A 588 23.57 -23.91 -11.99
N LEU A 589 24.67 -23.29 -12.42
CA LEU A 589 25.32 -23.71 -13.66
C LEU A 589 26.77 -24.13 -13.43
N TYR A 590 27.18 -25.17 -14.14
CA TYR A 590 28.52 -25.72 -14.03
C TYR A 590 29.36 -25.34 -15.25
N LEU A 591 30.43 -24.58 -15.02
CA LEU A 591 31.37 -24.23 -16.09
C LEU A 591 32.38 -25.37 -16.29
N GLU A 592 32.11 -26.25 -17.25
CA GLU A 592 32.93 -27.45 -17.39
C GLU A 592 34.37 -27.22 -17.85
N ASN A 593 35.27 -28.06 -17.33
CA ASN A 593 36.69 -28.02 -17.71
C ASN A 593 36.92 -28.40 -19.18
N PRO A 594 38.07 -28.02 -19.73
CA PRO A 594 38.34 -28.45 -21.10
C PRO A 594 38.33 -29.98 -21.16
N GLU A 595 38.10 -30.53 -22.35
CA GLU A 595 38.10 -31.97 -22.52
C GLU A 595 39.46 -32.43 -23.07
N ILE A 596 40.02 -33.44 -22.41
CA ILE A 596 41.31 -34.00 -22.81
C ILE A 596 41.13 -35.00 -23.95
N LYS A 597 41.78 -34.75 -25.07
CA LYS A 597 41.68 -35.63 -26.22
C LYS A 597 42.75 -36.71 -26.16
N ILE A 598 42.33 -37.97 -26.26
CA ILE A 598 43.24 -39.10 -26.22
C ILE A 598 43.11 -39.97 -27.47
N ARG A 599 44.12 -39.91 -28.32
CA ARG A 599 44.14 -40.66 -29.57
C ARG A 599 45.27 -41.68 -29.57
N ILE A 600 44.95 -42.91 -29.96
CA ILE A 600 45.94 -43.99 -30.00
C ILE A 600 46.44 -44.25 -31.43
N LEU A 601 47.75 -44.30 -31.60
CA LEU A 601 48.34 -44.40 -32.94
C LEU A 601 49.04 -45.74 -33.22
N VAL A 611 51.33 -46.54 -29.03
CA VAL A 611 51.49 -45.11 -28.67
C VAL A 611 50.18 -44.30 -28.56
N ALA A 612 50.09 -43.47 -27.53
CA ALA A 612 48.90 -42.62 -27.34
C ALA A 612 49.22 -41.14 -27.24
N GLU A 613 48.39 -40.34 -27.89
CA GLU A 613 48.56 -38.91 -27.97
C GLU A 613 47.50 -38.19 -27.14
N VAL A 614 47.92 -37.24 -26.32
CA VAL A 614 46.99 -36.49 -25.48
C VAL A 614 47.18 -34.98 -25.58
N SER A 615 46.09 -34.28 -25.89
CA SER A 615 46.12 -32.84 -26.08
C SER A 615 44.99 -32.14 -25.33
N LEU A 616 45.12 -30.82 -25.19
CA LEU A 616 44.21 -30.03 -24.39
C LEU A 616 44.27 -28.59 -24.86
N GLN A 617 43.11 -27.98 -25.12
CA GLN A 617 43.07 -26.60 -25.60
C GLN A 617 42.88 -25.61 -24.46
N ASN A 618 43.81 -24.68 -24.31
CA ASN A 618 43.69 -23.60 -23.33
C ASN A 618 42.33 -22.90 -23.48
N PRO A 619 41.46 -23.05 -22.47
CA PRO A 619 40.08 -22.54 -22.53
C PRO A 619 40.02 -21.09 -22.06
N LEU A 620 41.12 -20.64 -21.47
CA LEU A 620 41.23 -19.31 -20.92
C LEU A 620 41.63 -18.31 -21.99
N PRO A 621 41.25 -17.04 -21.81
CA PRO A 621 41.74 -15.90 -22.59
C PRO A 621 43.12 -15.51 -22.09
N VAL A 622 43.61 -16.24 -21.09
CA VAL A 622 44.94 -16.01 -20.53
C VAL A 622 45.85 -17.22 -20.84
N ALA A 623 47.14 -17.07 -20.59
CA ALA A 623 48.12 -18.12 -20.84
C ALA A 623 48.39 -18.93 -19.58
N LEU A 624 48.51 -20.25 -19.75
CA LEU A 624 48.79 -21.16 -18.63
C LEU A 624 50.28 -21.32 -18.40
N GLU A 625 50.71 -21.14 -17.16
CA GLU A 625 52.13 -21.29 -16.82
C GLU A 625 52.39 -22.56 -16.02
N GLY A 626 53.33 -23.37 -16.50
CA GLY A 626 53.69 -24.60 -15.83
C GLY A 626 52.68 -25.70 -16.09
N CYS A 627 52.51 -26.03 -17.36
CA CYS A 627 51.62 -27.13 -17.72
C CYS A 627 52.37 -28.45 -17.59
N THR A 628 51.66 -29.48 -17.14
CA THR A 628 52.26 -30.79 -16.91
C THR A 628 51.18 -31.85 -17.03
N PHE A 629 51.47 -32.90 -17.78
CA PHE A 629 50.58 -34.04 -17.83
C PHE A 629 51.06 -35.18 -16.94
N THR A 630 50.17 -36.13 -16.71
CA THR A 630 50.47 -37.34 -15.99
C THR A 630 49.57 -38.41 -16.59
N VAL A 631 50.17 -39.53 -16.97
CA VAL A 631 49.42 -40.60 -17.60
C VAL A 631 49.75 -41.95 -17.00
N GLU A 632 48.73 -42.69 -16.61
CA GLU A 632 48.92 -44.06 -16.20
C GLU A 632 47.73 -44.91 -16.61
N GLY A 633 47.95 -46.21 -16.72
CA GLY A 633 46.91 -47.12 -17.16
C GLY A 633 47.42 -48.54 -17.17
N ALA A 634 47.23 -49.23 -16.05
CA ALA A 634 47.64 -50.62 -15.90
C ALA A 634 47.10 -51.48 -17.04
N GLY A 635 48.02 -52.18 -17.70
CA GLY A 635 47.71 -52.95 -18.90
C GLY A 635 48.22 -52.22 -20.12
N LEU A 636 48.90 -51.10 -19.89
CA LEU A 636 49.37 -50.22 -20.95
C LEU A 636 50.74 -49.60 -20.65
N THR A 637 50.98 -49.27 -19.38
CA THR A 637 52.29 -48.80 -18.95
C THR A 637 52.55 -49.26 -17.53
N GLU A 638 53.73 -49.79 -17.28
CA GLU A 638 54.08 -50.25 -15.95
C GLU A 638 54.64 -49.06 -15.18
N GLU A 639 54.80 -47.95 -15.88
CA GLU A 639 55.29 -46.74 -15.26
C GLU A 639 54.43 -45.52 -15.57
N GLN A 640 54.07 -44.80 -14.51
CA GLN A 640 53.42 -43.51 -14.60
C GLN A 640 54.36 -42.52 -15.29
N LYS A 641 53.86 -41.79 -16.28
CA LYS A 641 54.70 -40.91 -17.08
C LYS A 641 54.34 -39.42 -16.95
N THR A 642 54.97 -38.74 -15.99
CA THR A 642 54.73 -37.31 -15.77
C THR A 642 55.63 -36.39 -16.62
N VAL A 643 55.08 -35.84 -17.70
CA VAL A 643 55.83 -34.94 -18.56
C VAL A 643 55.42 -33.46 -18.36
N GLU A 644 56.41 -32.62 -18.14
CA GLU A 644 56.19 -31.19 -17.98
C GLU A 644 56.15 -30.51 -19.34
N ILE A 645 55.59 -29.31 -19.36
CA ILE A 645 55.56 -28.48 -20.56
C ILE A 645 56.37 -27.22 -20.31
N PRO A 646 57.51 -27.09 -21.00
CA PRO A 646 58.52 -26.04 -20.86
C PRO A 646 57.96 -24.63 -21.08
N ASP A 647 57.48 -24.36 -22.29
CA ASP A 647 56.89 -23.07 -22.63
C ASP A 647 55.49 -22.94 -22.04
N PRO A 648 55.03 -21.70 -21.80
CA PRO A 648 53.64 -21.47 -21.39
C PRO A 648 52.70 -21.59 -22.59
N VAL A 649 51.50 -22.13 -22.37
CA VAL A 649 50.52 -22.26 -23.44
C VAL A 649 49.63 -21.02 -23.56
N GLU A 650 49.60 -20.43 -24.76
CA GLU A 650 48.86 -19.19 -25.00
C GLU A 650 47.35 -19.42 -25.07
N ALA A 651 46.59 -18.34 -24.87
CA ALA A 651 45.15 -18.40 -24.97
C ALA A 651 44.74 -19.12 -26.26
N GLY A 652 43.83 -20.08 -26.13
CA GLY A 652 43.33 -20.82 -27.27
C GLY A 652 44.33 -21.82 -27.83
N GLU A 653 45.61 -21.63 -27.52
CA GLU A 653 46.65 -22.52 -28.02
C GLU A 653 46.60 -23.90 -27.35
N GLU A 654 46.54 -24.94 -28.17
CA GLU A 654 46.49 -26.32 -27.66
C GLU A 654 47.88 -26.84 -27.29
N VAL A 655 47.91 -27.90 -26.48
CA VAL A 655 49.16 -28.49 -26.02
C VAL A 655 49.13 -30.01 -26.13
N LYS A 656 50.08 -30.56 -26.87
CA LYS A 656 50.09 -31.97 -27.19
C LYS A 656 51.32 -32.69 -26.64
N VAL A 657 51.11 -33.87 -26.07
CA VAL A 657 52.21 -34.75 -25.72
C VAL A 657 51.89 -36.15 -26.20
N ARG A 658 52.93 -37.00 -26.20
CA ARG A 658 52.84 -38.39 -26.64
C ARG A 658 53.71 -39.22 -25.70
N MET A 659 53.34 -40.49 -25.52
CA MET A 659 54.16 -41.42 -24.75
C MET A 659 53.93 -42.84 -25.27
N ASP A 660 54.95 -43.70 -25.10
CA ASP A 660 54.93 -45.06 -25.65
C ASP A 660 54.24 -46.07 -24.73
N LEU A 661 53.41 -46.94 -25.31
CA LEU A 661 52.66 -47.95 -24.55
C LEU A 661 52.89 -49.39 -25.06
N LEU A 662 53.15 -50.32 -24.14
CA LEU A 662 53.38 -51.73 -24.50
C LEU A 662 52.36 -52.70 -23.91
N PRO A 663 51.14 -52.73 -24.49
CA PRO A 663 49.97 -53.50 -24.04
C PRO A 663 50.25 -54.79 -23.29
N LEU A 664 50.17 -54.72 -21.96
CA LEU A 664 50.41 -55.86 -21.07
C LEU A 664 49.70 -57.14 -21.53
N HIS A 665 48.37 -57.12 -21.49
CA HIS A 665 47.60 -58.30 -21.88
C HIS A 665 46.76 -58.07 -23.15
N MET A 666 45.52 -58.57 -23.16
CA MET A 666 44.73 -58.58 -24.39
C MET A 666 43.53 -57.61 -24.43
N GLY A 667 42.60 -57.77 -23.48
CA GLY A 667 41.33 -57.06 -23.52
C GLY A 667 41.33 -55.56 -23.25
N LEU A 668 40.14 -55.04 -22.91
CA LEU A 668 39.95 -53.61 -22.63
C LEU A 668 40.88 -53.08 -21.53
N HIS A 669 41.55 -51.98 -21.82
CA HIS A 669 42.25 -51.24 -20.78
C HIS A 669 41.77 -49.79 -20.80
N LYS A 670 42.05 -49.06 -19.72
CA LYS A 670 41.63 -47.69 -19.64
C LYS A 670 42.84 -46.83 -19.35
N LEU A 671 43.13 -45.89 -20.24
CA LEU A 671 44.19 -44.93 -19.98
C LEU A 671 43.62 -43.77 -19.18
N VAL A 672 44.40 -43.25 -18.24
CA VAL A 672 43.91 -42.30 -17.26
C VAL A 672 44.80 -41.06 -17.19
N VAL A 673 44.24 -39.90 -17.49
CA VAL A 673 45.04 -38.71 -17.69
C VAL A 673 44.66 -37.55 -16.79
N ASN A 674 45.69 -36.84 -16.33
CA ASN A 674 45.54 -35.65 -15.52
C ASN A 674 46.35 -34.51 -16.12
N PHE A 675 45.77 -33.30 -16.12
CA PHE A 675 46.43 -32.10 -16.60
C PHE A 675 46.58 -31.10 -15.46
N GLU A 676 47.72 -30.44 -15.39
CA GLU A 676 47.99 -29.57 -14.26
C GLU A 676 48.52 -28.22 -14.69
N SER A 677 48.13 -27.18 -13.97
CA SER A 677 48.50 -25.82 -14.34
C SER A 677 48.29 -24.83 -13.19
N ASP A 678 48.91 -23.68 -13.33
CA ASP A 678 48.81 -22.61 -12.35
C ASP A 678 47.40 -22.03 -12.21
N LYS A 679 46.76 -21.73 -13.34
CA LYS A 679 45.39 -21.21 -13.31
C LYS A 679 44.36 -22.34 -13.37
N LEU A 680 44.57 -23.26 -14.30
CA LEU A 680 43.62 -24.34 -14.55
C LEU A 680 44.18 -25.70 -14.09
N LYS A 681 43.72 -26.16 -12.94
CA LYS A 681 44.31 -27.34 -12.31
C LYS A 681 43.35 -28.52 -12.24
N ALA A 682 43.92 -29.73 -12.15
CA ALA A 682 43.16 -30.94 -11.86
C ALA A 682 42.09 -31.35 -12.90
N VAL A 683 42.37 -31.15 -14.18
CA VAL A 683 41.43 -31.63 -15.20
C VAL A 683 41.78 -33.06 -15.68
N LYS A 684 40.73 -33.87 -15.83
CA LYS A 684 40.84 -35.32 -15.89
C LYS A 684 40.28 -35.86 -17.20
N GLY A 685 40.78 -37.03 -17.60
CA GLY A 685 40.32 -37.68 -18.82
C GLY A 685 40.70 -39.15 -18.86
N PHE A 686 40.13 -39.85 -19.83
CA PHE A 686 40.39 -41.27 -20.00
C PHE A 686 40.01 -41.69 -21.41
N ARG A 687 40.44 -42.89 -21.79
CA ARG A 687 40.07 -43.50 -23.06
C ARG A 687 40.16 -45.00 -22.91
N ASN A 688 39.17 -45.71 -23.43
CA ASN A 688 39.25 -47.15 -23.45
C ASN A 688 40.03 -47.61 -24.66
N VAL A 689 40.66 -48.78 -24.55
CA VAL A 689 41.47 -49.36 -25.62
C VAL A 689 41.20 -50.85 -25.78
N ILE A 690 41.35 -51.35 -27.01
CA ILE A 690 41.13 -52.76 -27.35
C ILE A 690 39.70 -53.23 -27.04
N GLN B 3 9.93 -0.78 9.70
CA GLN B 3 11.23 -1.14 9.12
C GLN B 3 10.99 -1.96 7.87
N PRO B 4 11.86 -1.78 6.72
CA PRO B 4 11.80 -2.51 5.49
C PRO B 4 11.91 -3.98 5.79
N LEU B 5 11.11 -4.91 5.05
CA LEU B 5 11.23 -6.35 5.37
C LEU B 5 12.64 -6.79 5.03
#